data_9GG8
#
_entry.id   9GG8
#
_cell.length_a   82.254
_cell.length_b   112.509
_cell.length_c   62.482
_cell.angle_alpha   90.00
_cell.angle_beta   90.00
_cell.angle_gamma   90.00
#
_symmetry.space_group_name_H-M   'C 2 2 21'
#
loop_
_entity.id
_entity.type
_entity.pdbx_description
1 polymer '14-3-3 protein sigma'
2 polymer 'Microtubule-associated protein tau'
3 non-polymer 4-(3,4-dihydro-2~{H}-quinoxalin-1-ylsulfonyl)benzaldehyde
4 water water
#
loop_
_entity_poly.entity_id
_entity_poly.type
_entity_poly.pdbx_seq_one_letter_code
_entity_poly.pdbx_strand_id
1 'polypeptide(L)'
;GAMGSMERASLIQKAKLAEQAERYEDMAAFMKGAVEKGEELSNEERNLLSVAYKNVVGGQRAAWRVLSSIEQKSNEEGSE
EKGPEVREYREKVETELQGVCDTVLGLLDSHLIKEAGDAESRVFYLKMKGDYYRYLAEVATGDDKKRIIDSARSAYQEAM
DISKKEMPPTNPIRLGLALNFSVFHYEIANSPEEAISLAKTTFDEAMADLHTLSEDSYKDSTLIMQLLRDNLTLWT
;
A
2 'polypeptide(L)' SRTP(SEP)LPTPPTRE P
#
# COMPACT_ATOMS: atom_id res chain seq x y z
N GLY A 1 13.32 -20.34 -7.09
CA GLY A 1 11.90 -19.95 -7.21
C GLY A 1 11.31 -20.46 -8.51
N ALA A 2 9.98 -20.65 -8.51
CA ALA A 2 9.29 -21.33 -9.59
C ALA A 2 9.31 -20.49 -10.86
N MET A 3 9.60 -19.19 -10.80
CA MET A 3 9.71 -18.39 -12.00
C MET A 3 11.14 -18.26 -12.48
N GLY A 4 12.10 -18.97 -11.86
CA GLY A 4 13.48 -18.84 -12.22
C GLY A 4 13.81 -19.22 -13.65
N SER A 5 13.02 -20.11 -14.27
CA SER A 5 13.32 -20.52 -15.63
C SER A 5 12.65 -19.65 -16.68
N MET A 6 11.80 -18.68 -16.30
CA MET A 6 11.10 -17.88 -17.28
C MET A 6 11.82 -16.58 -17.54
N GLU A 7 11.92 -16.19 -18.80
CA GLU A 7 12.55 -14.89 -19.17
C GLU A 7 11.88 -13.72 -18.43
N ARG A 8 12.69 -12.72 -18.07
CA ARG A 8 12.15 -11.49 -17.45
C ARG A 8 11.05 -10.90 -18.32
N ALA A 9 11.31 -10.78 -19.63
CA ALA A 9 10.30 -10.10 -20.48
C ALA A 9 9.00 -10.91 -20.50
N SER A 10 9.10 -12.24 -20.51
CA SER A 10 7.94 -13.11 -20.50
C SER A 10 7.14 -12.98 -19.20
N LEU A 11 7.82 -12.83 -18.08
CA LEU A 11 7.14 -12.65 -16.79
C LEU A 11 6.38 -11.33 -16.81
N ILE A 12 6.96 -10.27 -17.36
CA ILE A 12 6.26 -8.99 -17.45
C ILE A 12 5.05 -9.10 -18.38
N GLN A 13 5.22 -9.74 -19.54
CA GLN A 13 4.12 -9.94 -20.48
C GLN A 13 3.00 -10.70 -19.79
N LYS A 14 3.35 -11.78 -19.07
CA LYS A 14 2.31 -12.56 -18.40
C LYS A 14 1.68 -11.81 -17.25
N ALA A 15 2.41 -10.97 -16.56
CA ALA A 15 1.80 -10.13 -15.54
C ALA A 15 0.69 -9.26 -16.15
N LYS A 16 0.95 -8.69 -17.31
CA LYS A 16 -0.06 -7.84 -17.97
C LYS A 16 -1.27 -8.68 -18.39
N LEU A 17 -1.04 -9.92 -18.86
CA LEU A 17 -2.16 -10.82 -19.21
C LEU A 17 -2.95 -11.18 -17.96
N ALA A 18 -2.25 -11.49 -16.87
CA ALA A 18 -2.91 -11.85 -15.65
C ALA A 18 -3.77 -10.69 -15.17
N GLU A 19 -3.30 -9.46 -15.27
CA GLU A 19 -4.12 -8.31 -14.89
C GLU A 19 -5.41 -8.29 -15.73
N GLN A 20 -5.29 -8.44 -17.04
CA GLN A 20 -6.47 -8.41 -17.90
C GLN A 20 -7.44 -9.51 -17.51
N ALA A 21 -6.93 -10.65 -17.08
CA ALA A 21 -7.72 -11.79 -16.68
C ALA A 21 -8.24 -11.71 -15.25
N GLU A 22 -7.86 -10.65 -14.52
CA GLU A 22 -8.18 -10.50 -13.11
C GLU A 22 -7.68 -11.66 -12.27
N ARG A 23 -6.45 -12.09 -12.60
CA ARG A 23 -5.79 -13.17 -11.92
C ARG A 23 -4.65 -12.58 -11.12
N TYR A 24 -4.97 -11.94 -9.97
CA TYR A 24 -3.98 -11.11 -9.31
C TYR A 24 -2.94 -11.91 -8.55
N GLU A 25 -3.27 -13.09 -8.03
CA GLU A 25 -2.26 -13.93 -7.42
C GLU A 25 -1.23 -14.34 -8.46
N ASP A 26 -1.66 -14.76 -9.64
CA ASP A 26 -0.71 -15.04 -10.72
C ASP A 26 0.12 -13.79 -11.06
N MET A 27 -0.53 -12.66 -11.17
CA MET A 27 0.15 -11.39 -11.51
C MET A 27 1.27 -11.14 -10.52
N ALA A 28 0.97 -11.32 -9.24
CA ALA A 28 1.96 -11.07 -8.19
C ALA A 28 3.10 -12.06 -8.31
N ALA A 29 2.79 -13.33 -8.57
CA ALA A 29 3.86 -14.31 -8.69
C ALA A 29 4.76 -14.01 -9.89
N PHE A 30 4.19 -13.56 -10.99
CA PHE A 30 5.00 -13.19 -12.14
C PHE A 30 5.88 -12.01 -11.81
N MET A 31 5.32 -10.98 -11.14
CA MET A 31 6.11 -9.79 -10.81
C MET A 31 7.18 -10.12 -9.78
N LYS A 32 6.91 -10.94 -8.77
CA LYS A 32 7.94 -11.41 -7.88
C LYS A 32 9.08 -12.06 -8.68
N GLY A 33 8.74 -12.94 -9.62
CA GLY A 33 9.76 -13.54 -10.45
C GLY A 33 10.57 -12.49 -11.18
N ALA A 34 9.91 -11.49 -11.75
CA ALA A 34 10.61 -10.43 -12.46
C ALA A 34 11.55 -9.65 -11.53
N VAL A 35 11.11 -9.30 -10.34
CA VAL A 35 12.00 -8.60 -9.38
C VAL A 35 13.21 -9.49 -9.08
N GLU A 36 12.96 -10.78 -8.89
CA GLU A 36 14.06 -11.70 -8.50
C GLU A 36 15.09 -11.89 -9.62
N LYS A 37 14.84 -11.40 -10.83
CA LYS A 37 15.89 -11.43 -11.87
C LYS A 37 17.05 -10.51 -11.47
N GLY A 38 16.82 -9.53 -10.58
CA GLY A 38 17.91 -8.73 -10.05
C GLY A 38 18.07 -7.37 -10.68
N GLU A 39 17.43 -7.11 -11.80
CA GLU A 39 17.51 -5.83 -12.45
C GLU A 39 16.53 -4.84 -11.80
N GLU A 40 16.86 -3.56 -11.91
CA GLU A 40 15.92 -2.51 -11.48
C GLU A 40 14.65 -2.57 -12.33
N LEU A 41 13.58 -2.01 -11.78
CA LEU A 41 12.28 -1.97 -12.45
C LEU A 41 12.07 -0.61 -13.08
N SER A 42 11.46 -0.57 -14.24
CA SER A 42 11.02 0.67 -14.86
C SER A 42 9.78 1.18 -14.17
N ASN A 43 9.36 2.40 -14.53
CA ASN A 43 8.14 2.98 -13.99
C ASN A 43 6.94 2.06 -14.18
N GLU A 44 6.77 1.59 -15.40
CA GLU A 44 5.64 0.72 -15.70
C GLU A 44 5.72 -0.57 -14.90
N GLU A 45 6.90 -1.14 -14.78
CA GLU A 45 7.06 -2.40 -14.02
C GLU A 45 6.77 -2.19 -12.51
N ARG A 46 7.19 -1.05 -11.96
CA ARG A 46 6.88 -0.74 -10.55
C ARG A 46 5.35 -0.72 -10.37
N ASN A 47 4.65 -0.10 -11.33
CA ASN A 47 3.18 -0.02 -11.20
C ASN A 47 2.58 -1.43 -11.30
N LEU A 48 3.09 -2.30 -12.17
CA LEU A 48 2.55 -3.65 -12.22
C LEU A 48 2.79 -4.39 -10.90
N LEU A 49 3.96 -4.25 -10.30
CA LEU A 49 4.24 -4.90 -9.01
C LEU A 49 3.23 -4.44 -7.98
N SER A 50 3.03 -3.13 -7.92
CA SER A 50 2.10 -2.55 -6.95
C SER A 50 0.66 -2.98 -7.17
N VAL A 51 0.19 -2.94 -8.39
CA VAL A 51 -1.17 -3.34 -8.65
C VAL A 51 -1.39 -4.79 -8.22
N ALA A 52 -0.45 -5.68 -8.57
CA ALA A 52 -0.61 -7.08 -8.27
C ALA A 52 -0.75 -7.28 -6.77
N TYR A 53 0.19 -6.79 -6.00
CA TYR A 53 0.16 -7.05 -4.57
C TYR A 53 -0.95 -6.29 -3.87
N LYS A 54 -1.30 -5.08 -4.33
CA LYS A 54 -2.38 -4.36 -3.64
C LYS A 54 -3.69 -5.11 -3.85
N ASN A 55 -3.91 -5.69 -5.02
CA ASN A 55 -5.09 -6.49 -5.22
C ASN A 55 -5.11 -7.74 -4.35
N VAL A 56 -3.99 -8.45 -4.26
CA VAL A 56 -3.95 -9.64 -3.44
C VAL A 56 -4.22 -9.26 -1.99
N VAL A 57 -3.44 -8.34 -1.43
CA VAL A 57 -3.57 -8.04 -0.01
C VAL A 57 -4.90 -7.35 0.25
N GLY A 58 -5.42 -6.60 -0.71
CA GLY A 58 -6.72 -5.99 -0.48
C GLY A 58 -7.81 -7.01 -0.27
N GLY A 59 -7.79 -8.08 -1.05
CA GLY A 59 -8.75 -9.14 -0.86
C GLY A 59 -8.58 -9.80 0.51
N GLN A 60 -7.34 -10.01 0.94
CA GLN A 60 -7.10 -10.65 2.21
C GLN A 60 -7.57 -9.74 3.36
N ARG A 61 -7.30 -8.44 3.23
CA ARG A 61 -7.70 -7.49 4.29
C ARG A 61 -9.24 -7.44 4.38
N ALA A 62 -9.93 -7.45 3.25
CA ALA A 62 -11.37 -7.43 3.28
C ALA A 62 -11.89 -8.68 3.97
N ALA A 63 -11.33 -9.82 3.67
CA ALA A 63 -11.73 -11.07 4.31
C ALA A 63 -11.45 -11.02 5.80
N TRP A 64 -10.27 -10.54 6.18
CA TRP A 64 -9.89 -10.44 7.58
C TRP A 64 -10.88 -9.56 8.32
N ARG A 65 -11.29 -8.44 7.74
CA ARG A 65 -12.20 -7.56 8.45
C ARG A 65 -13.56 -8.22 8.64
N VAL A 66 -14.04 -8.97 7.64
CA VAL A 66 -15.29 -9.67 7.79
C VAL A 66 -15.19 -10.67 8.95
N LEU A 67 -14.13 -11.45 9.00
CA LEU A 67 -13.97 -12.46 10.02
C LEU A 67 -13.75 -11.87 11.41
N SER A 68 -12.97 -10.80 11.49
N SER A 68 -12.96 -10.79 11.49
CA SER A 68 -12.77 -10.09 12.76
CA SER A 68 -12.72 -10.12 12.76
C SER A 68 -14.08 -9.57 13.32
C SER A 68 -14.01 -9.53 13.32
N SER A 69 -14.90 -9.04 12.47
CA SER A 69 -16.18 -8.52 12.92
C SER A 69 -17.01 -9.66 13.51
N ILE A 70 -17.10 -10.78 12.81
CA ILE A 70 -17.84 -11.94 13.32
C ILE A 70 -17.25 -12.35 14.66
N GLU A 71 -15.94 -12.39 14.77
CA GLU A 71 -15.25 -12.83 15.97
C GLU A 71 -15.58 -11.86 17.11
N GLN A 72 -15.63 -10.55 16.81
CA GLN A 72 -15.94 -9.54 17.81
C GLN A 72 -17.35 -9.74 18.33
N LYS A 73 -18.30 -9.97 17.43
CA LYS A 73 -19.69 -10.18 17.78
C LYS A 73 -19.82 -11.40 18.70
N SER A 74 -19.05 -12.45 18.44
CA SER A 74 -19.07 -13.66 19.25
C SER A 74 -18.65 -13.38 20.70
N ASN A 75 -17.82 -12.37 20.93
CA ASN A 75 -17.31 -12.16 22.27
C ASN A 75 -18.19 -11.16 23.03
N GLU A 76 -19.33 -10.77 22.47
CA GLU A 76 -20.26 -9.92 23.19
C GLU A 76 -21.12 -10.75 24.13
N GLU A 77 -21.60 -10.07 25.19
CA GLU A 77 -22.53 -10.68 26.14
C GLU A 77 -23.77 -11.12 25.37
N GLY A 78 -24.24 -12.34 25.67
CA GLY A 78 -25.48 -12.83 25.10
C GLY A 78 -25.21 -13.79 23.95
N SER A 79 -23.97 -13.77 23.42
CA SER A 79 -23.63 -14.54 22.24
C SER A 79 -23.40 -16.00 22.62
N GLU A 80 -24.01 -16.90 21.85
CA GLU A 80 -23.85 -18.33 22.05
C GLU A 80 -22.41 -18.72 21.70
N GLU A 81 -21.80 -19.60 22.51
CA GLU A 81 -20.49 -20.16 22.21
C GLU A 81 -20.56 -21.04 20.97
N LYS A 82 -19.65 -20.82 20.02
CA LYS A 82 -19.68 -21.61 18.79
C LYS A 82 -18.35 -22.31 18.57
N GLY A 83 -17.46 -22.31 19.56
CA GLY A 83 -16.21 -23.03 19.43
C GLY A 83 -15.14 -22.16 18.80
N PRO A 84 -14.01 -22.79 18.51
CA PRO A 84 -12.80 -22.08 18.10
C PRO A 84 -12.78 -21.73 16.63
N GLU A 85 -13.75 -22.11 15.83
CA GLU A 85 -13.64 -22.02 14.37
C GLU A 85 -13.47 -20.61 13.82
N VAL A 86 -14.21 -19.65 14.35
CA VAL A 86 -14.11 -18.28 13.79
C VAL A 86 -12.67 -17.76 14.06
N ARG A 87 -12.19 -17.90 15.28
CA ARG A 87 -10.81 -17.45 15.59
C ARG A 87 -9.82 -18.19 14.70
N GLU A 88 -10.00 -19.52 14.58
CA GLU A 88 -9.02 -20.30 13.78
C GLU A 88 -9.00 -19.77 12.34
N TYR A 89 -10.17 -19.54 11.76
CA TYR A 89 -10.18 -19.15 10.36
C TYR A 89 -9.70 -17.71 10.20
N ARG A 90 -10.02 -16.80 11.11
CA ARG A 90 -9.45 -15.46 11.10
C ARG A 90 -7.95 -15.56 11.17
N GLU A 91 -7.44 -16.40 12.06
CA GLU A 91 -6.01 -16.58 12.18
C GLU A 91 -5.39 -17.12 10.90
N LYS A 92 -6.03 -18.04 10.21
CA LYS A 92 -5.53 -18.55 8.93
C LYS A 92 -5.41 -17.41 7.92
N VAL A 93 -6.46 -16.66 7.73
CA VAL A 93 -6.42 -15.55 6.80
C VAL A 93 -5.38 -14.53 7.22
N GLU A 94 -5.27 -14.23 8.51
CA GLU A 94 -4.28 -13.32 9.03
C GLU A 94 -2.86 -13.77 8.70
N THR A 95 -2.58 -15.06 8.89
CA THR A 95 -1.23 -15.58 8.65
C THR A 95 -0.90 -15.47 7.17
N GLU A 96 -1.88 -15.74 6.32
N GLU A 96 -1.88 -15.74 6.32
CA GLU A 96 -1.65 -15.66 4.85
CA GLU A 96 -1.65 -15.66 4.85
C GLU A 96 -1.38 -14.20 4.47
C GLU A 96 -1.38 -14.20 4.47
N LEU A 97 -2.14 -13.27 5.04
CA LEU A 97 -1.95 -11.83 4.77
C LEU A 97 -0.56 -11.41 5.23
N GLN A 98 -0.17 -11.79 6.44
CA GLN A 98 1.16 -11.47 6.93
C GLN A 98 2.22 -12.02 6.00
N GLY A 99 2.01 -13.24 5.51
CA GLY A 99 2.97 -13.82 4.58
C GLY A 99 3.14 -13.00 3.30
N VAL A 100 2.08 -12.55 2.74
CA VAL A 100 2.17 -11.74 1.54
C VAL A 100 2.88 -10.42 1.88
N CYS A 101 2.53 -9.76 2.97
CA CYS A 101 3.20 -8.53 3.34
C CYS A 101 4.67 -8.76 3.55
N ASP A 102 5.05 -9.85 4.20
CA ASP A 102 6.45 -10.14 4.40
C ASP A 102 7.15 -10.39 3.07
N THR A 103 6.48 -11.02 2.13
CA THR A 103 7.08 -11.26 0.81
C THR A 103 7.37 -9.93 0.11
N VAL A 104 6.42 -9.00 0.14
CA VAL A 104 6.61 -7.72 -0.53
C VAL A 104 7.72 -6.94 0.15
N LEU A 105 7.71 -6.92 1.49
CA LEU A 105 8.75 -6.23 2.24
C LEU A 105 10.11 -6.85 1.91
N GLY A 106 10.14 -8.17 1.75
CA GLY A 106 11.37 -8.86 1.44
C GLY A 106 11.90 -8.46 0.05
N LEU A 107 11.04 -8.27 -0.94
CA LEU A 107 11.46 -7.80 -2.24
C LEU A 107 12.04 -6.40 -2.14
N LEU A 108 11.38 -5.54 -1.34
CA LEU A 108 11.85 -4.18 -1.16
C LEU A 108 13.23 -4.16 -0.52
N ASP A 109 13.45 -5.04 0.46
CA ASP A 109 14.71 -5.12 1.16
C ASP A 109 15.79 -5.89 0.39
N SER A 110 15.43 -6.67 -0.59
CA SER A 110 16.35 -7.54 -1.30
C SER A 110 16.03 -7.52 -2.79
N HIS A 111 16.35 -6.48 -3.54
CA HIS A 111 17.21 -5.36 -3.15
C HIS A 111 16.67 -4.08 -3.79
N LEU A 112 15.33 -3.93 -3.89
CA LEU A 112 14.82 -2.82 -4.67
C LEU A 112 15.15 -1.45 -4.08
N ILE A 113 14.97 -1.28 -2.78
CA ILE A 113 15.19 0.05 -2.22
C ILE A 113 16.67 0.42 -2.33
N LYS A 114 17.59 -0.48 -2.01
CA LYS A 114 18.98 -0.09 -1.96
C LYS A 114 19.49 0.31 -3.34
N GLU A 115 18.94 -0.21 -4.43
CA GLU A 115 19.40 0.17 -5.74
C GLU A 115 18.62 1.36 -6.31
N ALA A 116 17.57 1.84 -5.64
CA ALA A 116 16.75 2.93 -6.16
C ALA A 116 17.32 4.29 -5.79
N GLY A 117 17.85 4.98 -6.77
CA GLY A 117 18.52 6.26 -6.57
C GLY A 117 17.71 7.45 -7.07
N ASP A 118 16.86 7.26 -8.05
CA ASP A 118 16.09 8.38 -8.54
C ASP A 118 14.89 8.60 -7.60
N ALA A 119 14.46 9.85 -7.43
CA ALA A 119 13.33 10.09 -6.51
C ALA A 119 12.07 9.31 -6.87
N GLU A 120 11.71 9.15 -8.13
CA GLU A 120 10.47 8.50 -8.52
C GLU A 120 10.51 7.04 -8.09
N SER A 121 11.68 6.42 -8.16
CA SER A 121 11.73 5.01 -7.77
C SER A 121 11.80 4.90 -6.26
N ARG A 122 12.67 5.68 -5.63
CA ARG A 122 12.88 5.51 -4.21
C ARG A 122 11.66 5.86 -3.39
N VAL A 123 11.00 6.97 -3.73
CA VAL A 123 9.77 7.36 -3.05
C VAL A 123 8.71 6.28 -3.25
N PHE A 124 8.58 5.77 -4.48
CA PHE A 124 7.61 4.72 -4.76
C PHE A 124 7.83 3.51 -3.85
N TYR A 125 9.05 3.04 -3.73
CA TYR A 125 9.30 1.85 -2.93
C TYR A 125 9.15 2.12 -1.44
N LEU A 126 9.55 3.31 -0.94
CA LEU A 126 9.37 3.62 0.45
C LEU A 126 7.91 3.79 0.81
N LYS A 127 7.11 4.31 -0.12
CA LYS A 127 5.67 4.36 0.05
C LYS A 127 5.13 2.94 0.18
N MET A 128 5.57 2.06 -0.71
CA MET A 128 5.15 0.65 -0.60
C MET A 128 5.55 0.08 0.77
N LYS A 129 6.75 0.32 1.21
CA LYS A 129 7.20 -0.20 2.50
C LYS A 129 6.28 0.28 3.62
N GLY A 130 5.96 1.60 3.60
CA GLY A 130 5.02 2.10 4.60
C GLY A 130 3.66 1.41 4.52
N ASP A 131 3.15 1.24 3.31
CA ASP A 131 1.85 0.61 3.16
C ASP A 131 1.83 -0.82 3.70
N TYR A 132 2.86 -1.62 3.38
CA TYR A 132 2.78 -3.02 3.79
C TYR A 132 3.07 -3.17 5.28
N TYR A 133 3.88 -2.30 5.89
CA TYR A 133 3.93 -2.27 7.33
C TYR A 133 2.62 -1.79 7.93
N ARG A 134 1.95 -0.84 7.28
CA ARG A 134 0.62 -0.42 7.76
C ARG A 134 -0.36 -1.62 7.75
N TYR A 135 -0.36 -2.43 6.67
CA TYR A 135 -1.22 -3.60 6.68
C TYR A 135 -0.82 -4.58 7.78
N LEU A 136 0.42 -4.78 8.03
CA LEU A 136 0.83 -5.60 9.17
C LEU A 136 0.32 -4.97 10.47
N ALA A 137 0.35 -3.64 10.60
CA ALA A 137 -0.11 -2.99 11.83
C ALA A 137 -1.58 -3.19 12.04
N GLU A 138 -2.36 -3.26 10.98
CA GLU A 138 -3.80 -3.38 11.11
C GLU A 138 -4.17 -4.66 11.86
N VAL A 139 -3.35 -5.71 11.76
CA VAL A 139 -3.64 -7.00 12.40
C VAL A 139 -2.75 -7.31 13.57
N ALA A 140 -1.84 -6.43 13.94
CA ALA A 140 -0.91 -6.68 15.03
C ALA A 140 -1.54 -6.42 16.39
N THR A 141 -1.06 -7.23 17.35
CA THR A 141 -1.46 -7.16 18.75
C THR A 141 -0.32 -7.46 19.75
N GLY A 142 0.80 -8.10 19.33
CA GLY A 142 1.84 -8.58 20.27
C GLY A 142 2.92 -7.61 20.73
N ASP A 143 4.08 -8.14 21.12
CA ASP A 143 5.21 -7.32 21.70
C ASP A 143 5.79 -6.37 20.64
N ASP A 144 5.72 -6.76 19.37
CA ASP A 144 6.36 -5.95 18.30
C ASP A 144 5.40 -4.96 17.65
N LYS A 145 4.19 -4.79 18.16
CA LYS A 145 3.22 -3.95 17.48
C LYS A 145 3.69 -2.48 17.34
N LYS A 146 4.22 -1.92 18.43
CA LYS A 146 4.71 -0.55 18.34
C LYS A 146 5.82 -0.50 17.31
N ARG A 147 6.68 -1.52 17.22
CA ARG A 147 7.80 -1.50 16.31
C ARG A 147 7.19 -1.56 14.91
N ILE A 148 6.11 -2.33 14.66
CA ILE A 148 5.54 -2.41 13.31
C ILE A 148 5.02 -1.04 12.90
N ILE A 149 4.28 -0.38 13.78
CA ILE A 149 3.80 0.96 13.51
C ILE A 149 4.95 1.91 13.27
N ASP A 150 6.03 1.83 14.05
CA ASP A 150 7.14 2.70 13.84
C ASP A 150 7.86 2.42 12.52
N SER A 151 7.89 1.15 12.09
CA SER A 151 8.50 0.86 10.80
C SER A 151 7.67 1.49 9.67
N ALA A 152 6.35 1.43 9.76
CA ALA A 152 5.54 2.11 8.73
C ALA A 152 5.83 3.61 8.76
N ARG A 153 5.80 4.20 9.95
N ARG A 153 5.80 4.20 9.95
CA ARG A 153 6.03 5.66 10.09
CA ARG A 153 6.03 5.66 10.09
C ARG A 153 7.38 6.02 9.47
C ARG A 153 7.39 6.03 9.47
N SER A 154 8.44 5.29 9.84
CA SER A 154 9.79 5.64 9.35
C SER A 154 9.88 5.59 7.82
N ALA A 155 9.28 4.58 7.22
CA ALA A 155 9.31 4.46 5.76
C ALA A 155 8.57 5.63 5.11
N TYR A 156 7.36 5.88 5.61
CA TYR A 156 6.60 7.00 5.07
C TYR A 156 7.35 8.32 5.25
N GLN A 157 7.97 8.50 6.39
CA GLN A 157 8.65 9.76 6.65
C GLN A 157 9.83 9.95 5.70
N GLU A 158 10.63 8.92 5.46
CA GLU A 158 11.74 9.04 4.54
C GLU A 158 11.21 9.37 3.15
N ALA A 159 10.13 8.70 2.74
CA ALA A 159 9.51 8.99 1.45
C ALA A 159 9.07 10.45 1.36
N MET A 160 8.46 10.93 2.43
CA MET A 160 7.98 12.31 2.45
C MET A 160 9.14 13.27 2.34
N ASP A 161 10.21 13.02 3.07
CA ASP A 161 11.35 13.94 3.03
C ASP A 161 11.92 14.01 1.62
N ILE A 162 12.09 12.87 0.95
CA ILE A 162 12.63 12.89 -0.39
C ILE A 162 11.63 13.57 -1.34
N SER A 163 10.36 13.25 -1.24
CA SER A 163 9.39 13.79 -2.17
C SER A 163 9.29 15.30 -2.07
N LYS A 164 9.41 15.83 -0.86
CA LYS A 164 9.34 17.29 -0.68
C LYS A 164 10.55 17.97 -1.30
N LYS A 165 11.71 17.35 -1.22
CA LYS A 165 12.89 17.94 -1.79
C LYS A 165 12.96 17.81 -3.29
N GLU A 166 12.51 16.67 -3.85
CA GLU A 166 12.85 16.25 -5.19
C GLU A 166 11.71 16.27 -6.16
N MET A 167 10.47 16.39 -5.75
CA MET A 167 9.31 16.25 -6.63
C MET A 167 8.43 17.50 -6.51
N PRO A 168 7.70 17.89 -7.58
CA PRO A 168 6.76 18.98 -7.49
C PRO A 168 5.58 18.53 -6.64
N PRO A 169 4.86 19.50 -6.06
CA PRO A 169 3.75 19.21 -5.18
C PRO A 169 2.58 18.53 -5.87
N THR A 170 2.53 18.54 -7.21
CA THR A 170 1.52 17.85 -7.95
C THR A 170 1.92 16.42 -8.38
N ASN A 171 3.14 15.99 -8.13
CA ASN A 171 3.57 14.69 -8.61
C ASN A 171 2.63 13.62 -8.06
N PRO A 172 2.05 12.75 -8.89
CA PRO A 172 1.09 11.75 -8.39
C PRO A 172 1.61 10.83 -7.29
N ILE A 173 2.88 10.47 -7.38
CA ILE A 173 3.47 9.62 -6.34
C ILE A 173 3.52 10.40 -5.03
N ARG A 174 3.96 11.66 -5.08
CA ARG A 174 3.99 12.49 -3.89
C ARG A 174 2.61 12.61 -3.28
N LEU A 175 1.60 12.82 -4.14
CA LEU A 175 0.23 12.96 -3.68
C LEU A 175 -0.28 11.68 -3.04
N GLY A 176 -0.09 10.55 -3.71
CA GLY A 176 -0.56 9.28 -3.18
C GLY A 176 0.14 8.89 -1.88
N LEU A 177 1.41 9.19 -1.79
CA LEU A 177 2.15 9.01 -0.55
C LEU A 177 1.53 9.80 0.59
N ALA A 178 1.24 11.09 0.31
CA ALA A 178 0.63 11.94 1.34
C ALA A 178 -0.75 11.42 1.73
N LEU A 179 -1.53 10.99 0.74
CA LEU A 179 -2.84 10.41 1.02
C LEU A 179 -2.66 9.22 1.99
N ASN A 180 -1.78 8.28 1.65
CA ASN A 180 -1.64 7.08 2.46
C ASN A 180 -1.03 7.36 3.82
N PHE A 181 -0.06 8.27 3.90
CA PHE A 181 0.52 8.60 5.19
C PHE A 181 -0.53 9.29 6.07
N SER A 182 -1.43 10.10 5.47
N SER A 182 -1.40 10.10 5.47
CA SER A 182 -2.51 10.71 6.23
CA SER A 182 -2.47 10.71 6.21
C SER A 182 -3.45 9.63 6.76
C SER A 182 -3.43 9.64 6.75
N VAL A 183 -3.75 8.64 5.93
CA VAL A 183 -4.54 7.50 6.42
C VAL A 183 -3.82 6.77 7.57
N PHE A 184 -2.54 6.53 7.44
CA PHE A 184 -1.76 5.99 8.57
C PHE A 184 -2.00 6.80 9.83
N HIS A 185 -1.88 8.13 9.74
CA HIS A 185 -2.03 8.96 10.93
C HIS A 185 -3.42 8.75 11.51
N TYR A 186 -4.44 8.74 10.69
CA TYR A 186 -5.82 8.71 11.13
C TYR A 186 -6.20 7.32 11.69
N GLU A 187 -5.82 6.26 10.98
CA GLU A 187 -6.33 4.92 11.24
C GLU A 187 -5.40 4.10 12.11
N ILE A 188 -4.10 4.34 12.09
CA ILE A 188 -3.14 3.51 12.78
C ILE A 188 -2.54 4.24 13.98
N ALA A 189 -2.13 5.51 13.81
CA ALA A 189 -1.33 6.21 14.81
C ALA A 189 -2.20 7.04 15.73
N ASN A 190 -3.48 6.97 15.67
CA ASN A 190 -4.33 7.71 16.60
C ASN A 190 -4.01 9.20 16.56
N SER A 191 -3.77 9.75 15.37
CA SER A 191 -3.37 11.14 15.18
C SER A 191 -4.25 11.80 14.12
N PRO A 192 -5.55 11.93 14.36
CA PRO A 192 -6.45 12.50 13.36
C PRO A 192 -6.06 13.94 13.01
N GLU A 193 -5.60 14.74 13.97
CA GLU A 193 -5.25 16.11 13.61
C GLU A 193 -4.08 16.15 12.65
N GLU A 194 -3.07 15.31 12.83
CA GLU A 194 -1.95 15.25 11.92
C GLU A 194 -2.44 14.79 10.55
N ALA A 195 -3.35 13.82 10.50
CA ALA A 195 -3.93 13.34 9.26
C ALA A 195 -4.57 14.49 8.48
N ILE A 196 -5.41 15.26 9.18
CA ILE A 196 -6.15 16.36 8.57
C ILE A 196 -5.16 17.43 8.09
N SER A 197 -4.20 17.78 8.93
CA SER A 197 -3.23 18.80 8.56
C SER A 197 -2.44 18.41 7.32
N LEU A 198 -1.99 17.15 7.29
CA LEU A 198 -1.24 16.70 6.14
C LEU A 198 -2.10 16.71 4.87
N ALA A 199 -3.32 16.22 4.94
CA ALA A 199 -4.16 16.21 3.75
C ALA A 199 -4.41 17.64 3.27
N LYS A 200 -4.74 18.56 4.19
CA LYS A 200 -5.01 19.95 3.81
C LYS A 200 -3.79 20.61 3.17
N THR A 201 -2.63 20.56 3.81
CA THR A 201 -1.46 21.17 3.25
C THR A 201 -1.10 20.58 1.90
N THR A 202 -1.21 19.25 1.78
CA THR A 202 -0.90 18.59 0.50
C THR A 202 -1.86 19.10 -0.58
N PHE A 203 -3.16 19.16 -0.31
CA PHE A 203 -4.12 19.62 -1.28
C PHE A 203 -3.80 21.05 -1.70
N ASP A 204 -3.55 21.91 -0.74
CA ASP A 204 -3.34 23.32 -1.02
C ASP A 204 -2.09 23.56 -1.85
N GLU A 205 -1.04 22.89 -1.54
CA GLU A 205 0.19 23.04 -2.27
C GLU A 205 0.10 22.47 -3.66
N ALA A 206 -0.69 21.42 -3.85
CA ALA A 206 -0.92 20.90 -5.18
C ALA A 206 -1.75 21.88 -6.03
N MET A 207 -2.83 22.42 -5.42
CA MET A 207 -3.66 23.37 -6.11
C MET A 207 -2.85 24.49 -6.74
N ALA A 208 -1.94 25.02 -5.95
CA ALA A 208 -1.11 26.14 -6.35
C ALA A 208 -0.15 25.81 -7.47
N ASP A 209 0.13 24.54 -7.75
CA ASP A 209 1.05 24.12 -8.80
C ASP A 209 0.34 23.60 -10.05
N LEU A 210 -0.98 23.50 -10.03
CA LEU A 210 -1.69 22.92 -11.16
C LEU A 210 -1.45 23.73 -12.43
N HIS A 211 -1.21 25.04 -12.30
CA HIS A 211 -1.06 25.93 -13.45
C HIS A 211 0.11 25.54 -14.33
N THR A 212 1.07 24.77 -13.78
CA THR A 212 2.28 24.42 -14.52
C THR A 212 2.06 23.21 -15.40
N LEU A 213 0.95 22.52 -15.31
CA LEU A 213 0.78 21.18 -15.83
C LEU A 213 0.10 21.20 -17.19
N SER A 214 0.43 20.18 -18.01
CA SER A 214 -0.35 19.84 -19.17
C SER A 214 -1.72 19.35 -18.79
N GLU A 215 -2.62 19.29 -19.77
CA GLU A 215 -3.94 18.77 -19.54
C GLU A 215 -3.87 17.35 -18.98
N ASP A 216 -2.98 16.53 -19.53
CA ASP A 216 -2.91 15.14 -19.09
C ASP A 216 -2.42 15.02 -17.64
N SER A 217 -1.35 15.73 -17.31
CA SER A 217 -0.83 15.75 -15.95
C SER A 217 -1.86 16.27 -14.93
N TYR A 218 -2.57 17.31 -15.36
CA TYR A 218 -3.65 17.91 -14.54
C TYR A 218 -4.68 16.85 -14.16
N LYS A 219 -5.06 16.02 -15.13
CA LYS A 219 -6.06 15.00 -14.83
C LYS A 219 -5.60 14.10 -13.70
N ASP A 220 -4.37 13.63 -13.79
CA ASP A 220 -3.91 12.69 -12.79
C ASP A 220 -3.78 13.34 -11.41
N SER A 221 -3.22 14.55 -11.37
CA SER A 221 -3.02 15.23 -10.11
C SER A 221 -4.37 15.57 -9.46
N THR A 222 -5.34 16.08 -10.26
CA THR A 222 -6.60 16.48 -9.69
C THR A 222 -7.41 15.28 -9.19
N LEU A 223 -7.23 14.11 -9.81
CA LEU A 223 -7.92 12.92 -9.34
C LEU A 223 -7.51 12.64 -7.89
N ILE A 224 -6.19 12.66 -7.60
CA ILE A 224 -5.71 12.32 -6.26
C ILE A 224 -6.03 13.44 -5.30
N MET A 225 -6.02 14.71 -5.79
CA MET A 225 -6.47 15.78 -4.93
C MET A 225 -7.90 15.59 -4.48
N GLN A 226 -8.78 15.14 -5.38
CA GLN A 226 -10.16 14.90 -4.98
C GLN A 226 -10.24 13.81 -3.92
N LEU A 227 -9.39 12.79 -3.98
CA LEU A 227 -9.37 11.76 -2.94
C LEU A 227 -8.96 12.35 -1.59
N LEU A 228 -7.95 13.25 -1.59
CA LEU A 228 -7.60 13.94 -0.36
C LEU A 228 -8.79 14.72 0.18
N ARG A 229 -9.49 15.43 -0.72
CA ARG A 229 -10.66 16.24 -0.30
C ARG A 229 -11.76 15.30 0.25
N ASP A 230 -11.98 14.17 -0.41
CA ASP A 230 -12.98 13.23 0.10
C ASP A 230 -12.66 12.82 1.53
N ASN A 231 -11.40 12.55 1.84
CA ASN A 231 -11.07 12.15 3.20
C ASN A 231 -11.24 13.34 4.14
N LEU A 232 -10.82 14.52 3.72
CA LEU A 232 -11.06 15.69 4.57
C LEU A 232 -12.53 15.87 4.88
N THR A 233 -13.38 15.66 3.90
CA THR A 233 -14.85 15.74 4.09
C THR A 233 -15.32 14.69 5.09
N LEU A 234 -14.83 13.47 4.99
CA LEU A 234 -15.17 12.41 5.93
C LEU A 234 -14.73 12.76 7.35
N TRP A 235 -13.54 13.34 7.50
CA TRP A 235 -12.90 13.54 8.80
C TRP A 235 -13.33 14.79 9.53
N THR A 236 -14.00 15.70 8.82
CA THR A 236 -14.45 16.97 9.36
C THR A 236 -15.94 17.10 9.08
N THR B 3 -11.13 4.73 6.59
CA THR B 3 -10.97 5.78 5.58
C THR B 3 -10.39 5.16 4.30
N PRO B 4 -10.88 5.57 3.11
CA PRO B 4 -10.15 5.18 1.89
C PRO B 4 -8.69 5.65 1.68
N LEU B 6 -5.22 5.18 -1.19
CA LEU B 6 -5.13 5.33 -2.62
C LEU B 6 -5.69 4.09 -3.29
N PRO B 7 -6.62 4.23 -4.25
CA PRO B 7 -7.15 3.09 -4.98
C PRO B 7 -6.12 2.54 -5.93
N THR B 8 -6.48 1.38 -6.48
CA THR B 8 -5.63 0.66 -7.39
C THR B 8 -6.39 0.45 -8.69
N PRO B 9 -6.42 1.47 -9.57
CA PRO B 9 -6.97 1.27 -10.91
C PRO B 9 -6.12 0.30 -11.74
N PRO B 10 -6.71 -0.27 -12.82
CA PRO B 10 -5.92 -0.98 -13.83
C PRO B 10 -4.76 -0.17 -14.45
N THR B 11 -3.67 -0.86 -14.84
CA THR B 11 -2.51 -0.15 -15.40
C THR B 11 -2.86 0.31 -16.81
#